data_8VDG
#
_entry.id   8VDG
#
_cell.length_a   1.00
_cell.length_b   1.00
_cell.length_c   1.00
_cell.angle_alpha   90.00
_cell.angle_beta   90.00
_cell.angle_gamma   90.00
#
_symmetry.space_group_name_H-M   'P 1'
#
loop_
_entity.id
_entity.type
_entity.pdbx_description
1 polymer 'Erythrocyte membrane protein 1'
2 polymer 'C74 Fab heavy chain'
3 polymer 'C74 Fab kappa chain'
#
loop_
_entity_poly.entity_id
_entity_poly.type
_entity_poly.pdbx_seq_one_letter_code
_entity_poly.pdbx_strand_id
1 'polypeptide(L)'
;MGSQSSKPSKPSVDTNESYKSARNVLERYAESIKQQAENDASGYEKELKGKLEEASFCGAYCELIGVPKYGSTDPCYLDH
RWHTNLLHEKVKDRDPCHNRNQKRFDEGQVYECGSGIIKGNGNNRNGGSCAPPRRRHMCDKNLEALTVANTKNSNDLLGN
ILVTAKYEGDSIVNSYANSGMFNVCTALARSFADIGDIIRGKDLYLGNGDYKEKVSNNLRAIFNKIYENLNDPNVKAHYQ
KDAPNYYKLREHWWTVNRDQVWKAITCNAPTGADYFRKGSDGTNVFTSQGQCGHYEGAPPTNLDYVPQFLRWFEEWAEEF
CRKKKIKLENVKKACRDESSKLYCSHNGYDCTQTIRNKDICIRESKCTDCSTKCKLYELWLEKQENEFKKQTKKYDKEIN
GNNSLQNNKNNGIDKKYHNEFYKNFREKGYTSLDKFLKLLNEGMYCKNQKPEEEDIDFTKNGDKGIFYRSEYCQVCPYCG
LDCGGKTCTAKQEIYPDCVYNGAYEPPNGAETTEITVLYSADQEGDISNKLSEFCNDENNKNSQKWQCYYVSSENNGCKM
EKKNANHTPEVKITKFHNFFEMWVTYLLTETITWKDKLKTCMNNTKTADCIHECNKNCVCFDKWVKQKEDEWNSIKKLFT
KEKKMPKQYYGNINIYFESFFFHVMKKLNKEAKWNKLMDELRNKIELSKGNEGTKDLQDAIELLLEYLKEKSTICKDNNT
NEACDPTVDPTKNPCGKNTKAGSDKVISVKQIAQYYKRLAHEQLEERGSRSALKGDASKGTYRRQGNPRKLKKVCRIAKD
HSNRNHKDSRGRHLCTSYLEFLQTIDDSHNSSNAKRVNNSFLGDVLLSAKLDAAEIIKRYKDQNNIRENIEQKDEEAMCR
AVRYSFADLGDIIRGKDLWDHKDFKKLERDLVKIFGKIKDELKSKLGDKYIGDEAKSPYKQLRSDWWEANRHQVWKAMQC
KTTTKPFSLNIKCGDTSITPLVDYIPQRLRWMTEWAEWYCKEQSRLYGELVEKCNTCGSSNGIVTTEDCKKKCMQCKQKC
EAYKSFIEKWKKQWDEQEKKYQELYRKATQNGSDGSKVTADKDADVVDFLSKLRNKNDTNNLFESAAAYVHDTGNLDDCN
AQNIFCEKNCDGKVNDKYVFRKYPYDHAKACNC
;
A
2 'polypeptide(L)'
;EVQLVQSGGALVRPGGSLRLSCAASGFDFSDFEMNWVRQAPGKGLEWISYISKISAASFYADSVEGRFTISRDNTKNLLW
LEMTSLRDEDTAVYYCARDLPGYLERVFDLWGQGTLVSVSS
;
H
3 'polypeptide(L)'
;EIVLTQSPATLSLSPGEDATLSCRASQSVGSALAWYQHRPGQSPRLLIYDASTRATGIPARFSGSGSGTEFTLTVSSLTS
EDFAVYYCQEYKNSVPPTWTFGQGTKVEIKRTV
;
K
#
# COMPACT_ATOMS: atom_id res chain seq x y z
N PHE A 579 -12.61 -10.44 15.38
CA PHE A 579 -13.45 -9.59 16.20
C PHE A 579 -12.65 -8.45 16.81
N PHE A 580 -11.43 -8.77 17.27
CA PHE A 580 -10.59 -7.80 17.96
C PHE A 580 -10.16 -6.65 17.04
N GLU A 581 -9.81 -6.97 15.81
CA GLU A 581 -9.13 -5.99 14.98
C GLU A 581 -10.12 -4.94 14.48
N MET A 582 -11.31 -5.40 14.11
CA MET A 582 -12.41 -4.50 13.80
C MET A 582 -12.89 -3.75 15.05
N TRP A 583 -12.74 -4.34 16.23
CA TRP A 583 -13.10 -3.63 17.46
C TRP A 583 -12.15 -2.45 17.71
N VAL A 584 -10.85 -2.64 17.47
CA VAL A 584 -9.91 -1.54 17.62
C VAL A 584 -10.15 -0.49 16.53
N THR A 585 -10.53 -0.95 15.32
CA THR A 585 -10.94 -0.04 14.26
C THR A 585 -12.12 0.84 14.66
N TYR A 586 -13.19 0.23 15.19
CA TYR A 586 -14.34 1.02 15.61
C TYR A 586 -14.03 1.89 16.82
N LEU A 587 -13.13 1.44 17.70
CA LEU A 587 -12.70 2.25 18.83
C LEU A 587 -11.97 3.51 18.37
N LEU A 588 -11.05 3.38 17.41
CA LEU A 588 -10.34 4.54 16.88
C LEU A 588 -11.26 5.45 16.08
N THR A 589 -12.17 4.88 15.30
CA THR A 589 -13.11 5.67 14.50
C THR A 589 -14.05 6.47 15.39
N GLU A 590 -14.62 5.83 16.42
CA GLU A 590 -15.52 6.54 17.31
C GLU A 590 -14.76 7.47 18.26
N THR A 591 -13.46 7.21 18.50
CA THR A 591 -12.63 8.15 19.24
C THR A 591 -12.42 9.44 18.45
N ILE A 592 -12.14 9.31 17.15
CA ILE A 592 -11.99 10.49 16.29
C ILE A 592 -13.33 11.23 16.17
N THR A 593 -14.43 10.48 16.07
CA THR A 593 -15.76 11.10 16.01
C THR A 593 -16.11 11.83 17.30
N TRP A 594 -15.77 11.25 18.45
CA TRP A 594 -16.06 11.90 19.73
C TRP A 594 -15.14 13.09 19.96
N LYS A 595 -13.91 13.04 19.44
CA LYS A 595 -13.04 14.22 19.46
C LYS A 595 -13.62 15.34 18.62
N ASP A 596 -14.21 15.00 17.47
CA ASP A 596 -14.90 15.99 16.64
C ASP A 596 -16.14 16.54 17.33
N LYS A 597 -16.86 15.70 18.07
CA LYS A 597 -18.09 16.14 18.73
C LYS A 597 -17.80 17.03 19.94
N LEU A 598 -16.70 16.78 20.63
CA LEU A 598 -16.34 17.57 21.81
C LEU A 598 -15.47 18.77 21.48
N LYS A 599 -15.56 19.31 20.26
CA LYS A 599 -14.79 20.50 19.91
C LYS A 599 -15.38 21.75 20.56
N THR A 600 -16.69 21.72 20.85
CA THR A 600 -17.34 22.83 21.54
C THR A 600 -17.13 22.81 23.04
N CYS A 601 -16.61 21.70 23.59
CA CYS A 601 -16.42 21.58 25.03
C CYS A 601 -15.02 21.97 25.48
N MET A 602 -14.20 22.52 24.59
CA MET A 602 -12.87 22.99 24.96
C MET A 602 -13.01 24.33 25.70
N LYS A 616 -23.95 18.48 27.84
CA LYS A 616 -24.58 17.18 28.03
C LYS A 616 -23.80 16.08 27.31
N ASN A 617 -22.86 16.51 26.44
CA ASN A 617 -22.06 15.54 25.69
C ASN A 617 -20.97 14.91 26.55
N CYS A 618 -20.60 15.56 27.66
CA CYS A 618 -19.58 15.00 28.53
C CYS A 618 -20.06 13.75 29.24
N VAL A 619 -21.33 13.73 29.67
CA VAL A 619 -21.88 12.56 30.36
C VAL A 619 -22.00 11.39 29.41
N CYS A 620 -22.47 11.64 28.18
CA CYS A 620 -22.59 10.57 27.19
C CYS A 620 -21.21 10.09 26.75
N PHE A 621 -20.23 10.99 26.67
CA PHE A 621 -18.86 10.59 26.35
C PHE A 621 -18.26 9.74 27.46
N ASP A 622 -18.55 10.09 28.72
CA ASP A 622 -18.07 9.29 29.84
C ASP A 622 -18.74 7.91 29.86
N LYS A 623 -20.03 7.86 29.49
CA LYS A 623 -20.69 6.56 29.36
C LYS A 623 -20.08 5.72 28.23
N TRP A 624 -19.71 6.36 27.13
CA TRP A 624 -19.06 5.65 26.02
C TRP A 624 -17.68 5.14 26.40
N VAL A 625 -16.92 5.95 27.15
CA VAL A 625 -15.60 5.53 27.63
C VAL A 625 -15.73 4.38 28.63
N LYS A 626 -16.73 4.45 29.52
CA LYS A 626 -16.96 3.36 30.46
C LYS A 626 -17.42 2.09 29.75
N GLN A 627 -18.22 2.24 28.68
CA GLN A 627 -18.63 1.08 27.89
C GLN A 627 -17.44 0.43 27.20
N LYS A 628 -16.54 1.24 26.61
CA LYS A 628 -15.37 0.69 25.95
C LYS A 628 -14.39 0.09 26.96
N GLU A 629 -14.33 0.66 28.17
CA GLU A 629 -13.49 0.08 29.21
C GLU A 629 -14.05 -1.25 29.69
N ASP A 630 -15.38 -1.37 29.78
CA ASP A 630 -16.01 -2.64 30.13
C ASP A 630 -15.79 -3.68 29.02
N GLU A 631 -15.86 -3.25 27.76
CA GLU A 631 -15.58 -4.17 26.65
C GLU A 631 -14.12 -4.63 26.66
N TRP A 632 -13.19 -3.72 26.98
CA TRP A 632 -11.79 -4.12 27.10
C TRP A 632 -11.57 -5.04 28.30
N ASN A 633 -12.33 -4.84 29.38
CA ASN A 633 -12.27 -5.77 30.51
C ASN A 633 -12.80 -7.15 30.12
N SER A 634 -13.81 -7.17 29.23
CA SER A 634 -14.34 -8.45 28.78
C SER A 634 -13.40 -9.16 27.81
N ILE A 635 -12.66 -8.41 27.00
CA ILE A 635 -11.77 -9.04 26.01
C ILE A 635 -10.57 -9.68 26.68
N LYS A 636 -9.87 -8.95 27.54
CA LYS A 636 -8.67 -9.52 28.16
C LYS A 636 -9.06 -10.47 29.29
N PHE A 657 -0.90 1.32 16.63
CA PHE A 657 -2.11 1.97 16.14
C PHE A 657 -1.88 2.54 14.75
N GLU A 658 -0.61 2.68 14.39
CA GLU A 658 -0.25 3.19 13.07
C GLU A 658 -0.67 2.22 11.97
N SER A 659 -0.63 0.92 12.27
CA SER A 659 -1.01 -0.11 11.29
C SER A 659 -2.52 -0.14 11.04
N PHE A 660 -3.32 0.50 11.88
CA PHE A 660 -4.77 0.58 11.71
C PHE A 660 -5.18 1.76 10.84
N PHE A 661 -4.29 2.23 9.96
CA PHE A 661 -4.58 3.43 9.18
C PHE A 661 -5.67 3.17 8.15
N PHE A 662 -5.62 2.02 7.49
CA PHE A 662 -6.43 1.80 6.30
C PHE A 662 -7.89 1.54 6.65
N HIS A 663 -8.14 0.77 7.72
CA HIS A 663 -9.51 0.50 8.13
C HIS A 663 -10.21 1.76 8.62
N VAL A 664 -9.54 2.52 9.48
CA VAL A 664 -10.11 3.72 10.06
C VAL A 664 -10.29 4.80 8.99
N MET A 665 -9.35 4.89 8.05
CA MET A 665 -9.51 5.89 6.99
C MET A 665 -10.45 5.42 5.89
N LYS A 666 -10.77 4.13 5.82
CA LYS A 666 -11.92 3.71 5.04
C LYS A 666 -13.21 4.17 5.70
N LYS A 667 -13.28 4.08 7.03
CA LYS A 667 -14.46 4.58 7.73
C LYS A 667 -14.55 6.10 7.71
N LEU A 668 -13.42 6.81 7.81
CA LEU A 668 -13.40 8.26 7.84
C LEU A 668 -12.34 8.78 6.87
N ASN A 669 -12.79 9.43 5.79
CA ASN A 669 -11.88 9.88 4.74
C ASN A 669 -11.13 11.16 5.07
N LYS A 670 -11.10 11.58 6.33
CA LYS A 670 -10.45 12.82 6.72
C LYS A 670 -9.21 12.52 7.57
N GLU A 671 -8.12 13.23 7.25
CA GLU A 671 -6.90 13.16 8.04
C GLU A 671 -6.65 14.49 8.74
N LYS A 673 -7.25 14.89 11.85
CA LYS A 673 -8.05 13.93 12.58
C LYS A 673 -7.21 12.71 12.97
N TRP A 674 -6.78 11.93 11.98
CA TRP A 674 -5.91 10.81 12.26
C TRP A 674 -4.51 11.27 12.65
N ASN A 675 -4.01 12.30 11.98
CA ASN A 675 -2.70 12.84 12.31
C ASN A 675 -2.75 13.64 13.61
N LYS A 676 -3.90 14.18 13.98
CA LYS A 676 -4.04 14.81 15.28
C LYS A 676 -4.04 13.78 16.40
N LEU A 677 -4.77 12.68 16.21
CA LEU A 677 -4.89 11.65 17.25
C LEU A 677 -3.56 10.95 17.50
N MET A 678 -2.83 10.61 16.43
CA MET A 678 -1.54 9.96 16.59
C MET A 678 -0.51 10.89 17.22
N ASP A 679 -0.56 12.18 16.88
CA ASP A 679 0.35 13.14 17.49
C ASP A 679 0.03 13.34 18.98
N GLU A 680 -1.25 13.34 19.33
CA GLU A 680 -1.62 13.46 20.74
C GLU A 680 -1.21 12.23 21.54
N LEU A 681 -1.36 11.04 20.96
CA LEU A 681 -0.94 9.83 21.66
C LEU A 681 0.59 9.75 21.77
N ARG A 682 1.32 10.22 20.74
CA ARG A 682 2.77 10.20 20.83
C ARG A 682 3.29 11.29 21.76
N ASN A 683 2.54 12.37 21.93
CA ASN A 683 2.88 13.33 22.98
C ASN A 683 2.54 12.76 24.36
N LYS A 684 1.53 11.90 24.44
CA LYS A 684 1.18 11.27 25.71
C LYS A 684 2.25 10.27 26.16
N ILE A 685 2.74 9.44 25.24
CA ILE A 685 3.70 8.40 25.59
C ILE A 685 5.09 8.99 25.79
N GLU A 686 5.41 10.12 25.16
CA GLU A 686 6.73 10.72 25.27
C GLU A 686 6.68 12.02 26.07
N GLN A 698 -2.04 -4.59 23.28
CA GLN A 698 -2.05 -4.91 24.70
C GLN A 698 -1.63 -3.73 25.55
N ASP A 699 -0.66 -2.95 25.06
CA ASP A 699 -0.19 -1.78 25.79
C ASP A 699 -0.68 -0.49 25.15
N ALA A 700 -0.74 -0.43 23.83
CA ALA A 700 -1.28 0.74 23.15
C ALA A 700 -2.77 0.90 23.40
N ILE A 701 -3.50 -0.21 23.57
CA ILE A 701 -4.91 -0.17 23.97
C ILE A 701 -5.05 0.49 25.33
N GLU A 702 -4.17 0.11 26.27
CA GLU A 702 -4.19 0.72 27.60
C GLU A 702 -3.84 2.21 27.54
N LEU A 703 -2.90 2.58 26.66
CA LEU A 703 -2.55 3.99 26.48
C LEU A 703 -3.73 4.78 25.93
N LEU A 704 -4.45 4.23 24.95
CA LEU A 704 -5.61 4.91 24.37
C LEU A 704 -6.73 5.03 25.38
N LEU A 705 -6.95 4.00 26.20
CA LEU A 705 -8.01 4.08 27.20
C LEU A 705 -7.68 5.06 28.32
N GLU A 706 -6.40 5.14 28.71
CA GLU A 706 -5.99 6.16 29.67
C GLU A 706 -6.14 7.55 29.08
N TYR A 707 -5.88 7.70 27.78
CA TYR A 707 -6.11 8.97 27.08
C TYR A 707 -7.58 9.34 27.08
N LEU A 708 -8.46 8.37 26.83
CA LEU A 708 -9.90 8.64 26.82
C LEU A 708 -10.43 8.98 28.21
N LYS A 709 -9.96 8.28 29.24
CA LYS A 709 -10.37 8.61 30.61
C LYS A 709 -9.82 9.96 31.06
N GLU A 710 -8.61 10.30 30.62
CA GLU A 710 -8.04 11.60 30.95
C GLU A 710 -8.80 12.74 30.26
N LYS A 711 -9.24 12.52 29.02
CA LYS A 711 -10.09 13.51 28.37
C LYS A 711 -11.47 13.59 29.01
N SER A 712 -12.00 12.45 29.46
CA SER A 712 -13.32 12.45 30.09
C SER A 712 -13.29 13.10 31.47
N THR A 713 -12.12 13.09 32.11
CA THR A 713 -11.96 13.80 33.38
C THR A 713 -12.06 15.31 33.18
N ILE A 714 -11.42 15.83 32.13
CA ILE A 714 -11.32 17.27 31.92
C ILE A 714 -12.32 17.76 30.86
N CYS A 715 -13.41 17.01 30.66
CA CYS A 715 -14.40 17.40 29.64
C CYS A 715 -15.17 18.65 30.05
N LYS A 716 -15.40 18.82 31.35
CA LYS A 716 -16.15 19.98 31.83
C LYS A 716 -15.36 20.74 32.88
N VAL B 2 -1.57 12.90 -16.83
CA VAL B 2 -1.06 12.05 -15.77
C VAL B 2 0.32 11.48 -16.14
N GLN B 3 1.30 11.74 -15.28
CA GLN B 3 2.70 11.46 -15.58
C GLN B 3 3.50 11.52 -14.29
N LEU B 4 4.41 10.56 -14.10
CA LEU B 4 5.32 10.52 -12.96
C LEU B 4 6.74 10.43 -13.49
N VAL B 5 7.51 11.51 -13.35
CA VAL B 5 8.86 11.61 -13.91
C VAL B 5 9.85 11.56 -12.75
N GLN B 6 10.77 10.60 -12.81
CA GLN B 6 11.70 10.39 -11.72
C GLN B 6 12.99 11.19 -11.95
N SER B 7 14.01 10.89 -11.15
CA SER B 7 15.24 11.69 -11.16
C SER B 7 16.36 11.07 -11.99
N GLY B 8 16.21 9.84 -12.45
CA GLY B 8 17.31 9.21 -13.18
C GLY B 8 18.29 8.53 -12.24
N GLY B 9 18.99 7.53 -12.78
CA GLY B 9 19.85 6.70 -11.98
C GLY B 9 21.12 7.40 -11.53
N ALA B 10 21.73 6.84 -10.49
CA ALA B 10 22.95 7.41 -9.94
C ALA B 10 23.79 6.31 -9.31
N LEU B 11 25.11 6.51 -9.35
CA LEU B 11 26.07 5.58 -8.76
C LEU B 11 26.44 6.06 -7.37
N VAL B 12 26.37 5.16 -6.39
CA VAL B 12 26.60 5.50 -5.00
C VAL B 12 27.47 4.40 -4.36
N ARG B 13 28.34 4.80 -3.46
CA ARG B 13 29.17 3.85 -2.74
C ARG B 13 28.36 3.20 -1.61
N PRO B 14 28.70 1.97 -1.21
CA PRO B 14 27.96 1.33 -0.12
C PRO B 14 28.16 2.05 1.21
N GLY B 15 27.10 2.06 2.02
CA GLY B 15 27.08 2.85 3.22
C GLY B 15 26.78 4.32 3.00
N GLY B 16 26.53 4.74 1.76
CA GLY B 16 26.29 6.13 1.44
C GLY B 16 24.81 6.49 1.46
N SER B 17 24.52 7.65 0.87
CA SER B 17 23.18 8.20 0.86
C SER B 17 22.81 8.66 -0.54
N LEU B 18 21.52 8.66 -0.83
CA LEU B 18 20.99 9.08 -2.12
C LEU B 18 19.56 9.55 -1.92
N ARG B 19 19.18 10.61 -2.63
CA ARG B 19 17.83 11.15 -2.56
C ARG B 19 17.16 11.00 -3.92
N LEU B 20 16.23 10.05 -4.03
CA LEU B 20 15.45 9.94 -5.24
C LEU B 20 14.36 11.00 -5.27
N SER B 21 13.87 11.27 -6.47
CA SER B 21 12.80 12.23 -6.67
C SER B 21 11.79 11.62 -7.63
N CYS B 22 10.56 12.12 -7.57
CA CYS B 22 9.51 11.65 -8.46
C CYS B 22 8.52 12.80 -8.64
N ALA B 23 8.70 13.56 -9.71
CA ALA B 23 7.86 14.72 -9.98
C ALA B 23 6.62 14.27 -10.74
N ALA B 24 5.45 14.55 -10.17
CA ALA B 24 4.20 14.15 -10.78
C ALA B 24 3.55 15.32 -11.49
N SER B 25 2.79 15.02 -12.54
CA SER B 25 2.15 16.05 -13.34
C SER B 25 0.83 15.53 -13.88
N GLY B 26 -0.06 16.46 -14.22
CA GLY B 26 -1.30 16.12 -14.85
C GLY B 26 -2.45 15.83 -13.91
N PHE B 27 -2.21 15.73 -12.61
CA PHE B 27 -3.27 15.47 -11.65
C PHE B 27 -2.96 16.22 -10.36
N ASP B 28 -3.82 16.00 -9.36
CA ASP B 28 -3.64 16.62 -8.04
C ASP B 28 -2.83 15.66 -7.17
N PHE B 29 -1.64 16.11 -6.77
CA PHE B 29 -0.75 15.28 -5.97
C PHE B 29 -1.25 15.06 -4.55
N SER B 30 -1.98 16.02 -4.00
CA SER B 30 -2.51 15.90 -2.65
C SER B 30 -3.63 14.89 -2.53
N ASP B 31 -4.26 14.51 -3.64
CA ASP B 31 -5.42 13.65 -3.65
C ASP B 31 -5.05 12.18 -3.87
N PHE B 32 -3.76 11.88 -4.00
CA PHE B 32 -3.33 10.54 -4.37
C PHE B 32 -2.25 10.05 -3.42
N GLU B 33 -2.38 8.80 -2.98
CA GLU B 33 -1.36 8.15 -2.17
C GLU B 33 -0.21 7.69 -3.04
N MET B 34 1.00 7.77 -2.52
CA MET B 34 2.20 7.49 -3.29
C MET B 34 2.90 6.24 -2.78
N ASN B 35 3.76 5.67 -3.63
CA ASN B 35 4.37 4.38 -3.39
C ASN B 35 5.75 4.34 -3.99
N TRP B 36 6.57 3.43 -3.48
CA TRP B 36 7.88 3.13 -4.05
C TRP B 36 7.97 1.62 -4.20
N VAL B 37 8.29 1.16 -5.42
CA VAL B 37 8.37 -0.26 -5.73
C VAL B 37 9.77 -0.53 -6.26
N ARG B 38 10.42 -1.57 -5.73
CA ARG B 38 11.81 -1.88 -6.02
C ARG B 38 11.91 -3.18 -6.81
N GLN B 39 12.74 -3.17 -7.85
CA GLN B 39 12.99 -4.35 -8.66
C GLN B 39 14.49 -4.59 -8.77
N ALA B 40 14.98 -5.59 -8.05
CA ALA B 40 16.36 -6.04 -8.21
C ALA B 40 16.52 -6.74 -9.56
N PRO B 41 17.73 -6.78 -10.12
CA PRO B 41 17.96 -7.51 -11.38
C PRO B 41 17.72 -9.00 -11.21
N GLY B 42 16.74 -9.52 -11.94
CA GLY B 42 16.38 -10.93 -11.89
C GLY B 42 15.79 -11.38 -10.58
N LYS B 43 14.97 -10.55 -9.94
CA LYS B 43 14.35 -10.93 -8.68
C LYS B 43 12.85 -10.67 -8.72
N GLY B 44 12.42 -9.65 -9.46
CA GLY B 44 11.02 -9.31 -9.55
C GLY B 44 10.69 -8.06 -8.75
N LEU B 45 9.41 -7.68 -8.83
CA LEU B 45 8.93 -6.47 -8.17
C LEU B 45 8.79 -6.69 -6.67
N GLU B 46 8.99 -5.62 -5.92
CA GLU B 46 8.97 -5.70 -4.46
C GLU B 46 8.69 -4.32 -3.90
N TRP B 47 7.54 -4.15 -3.24
CA TRP B 47 7.15 -2.89 -2.64
C TRP B 47 8.05 -2.55 -1.46
N ILE B 48 8.46 -1.28 -1.34
CA ILE B 48 9.33 -0.90 -0.25
C ILE B 48 8.78 0.24 0.60
N SER B 49 7.94 1.10 0.03
CA SER B 49 7.49 2.26 0.79
C SER B 49 6.09 2.68 0.36
N TYR B 50 5.43 3.43 1.24
CA TYR B 50 4.12 4.00 0.98
C TYR B 50 4.00 5.26 1.81
N ILE B 51 3.37 6.29 1.25
CA ILE B 51 3.01 7.47 2.01
C ILE B 51 1.58 7.83 1.60
N SER B 52 0.85 8.44 2.54
CA SER B 52 -0.56 8.74 2.33
C SER B 52 -0.72 10.06 1.59
N LYS B 53 -1.96 10.57 1.55
CA LYS B 53 -2.23 11.85 0.92
C LYS B 53 -1.54 13.00 1.64
N ILE B 54 -1.46 12.90 2.96
CA ILE B 54 -0.66 13.80 3.79
C ILE B 54 0.35 12.86 4.42
N SER B 55 1.24 13.36 5.27
CA SER B 55 2.22 12.51 5.92
C SER B 55 1.68 11.84 7.19
N ALA B 56 0.37 11.62 7.28
CA ALA B 56 -0.23 11.00 8.46
C ALA B 56 0.16 9.54 8.58
N ALA B 57 0.35 8.86 7.45
CA ALA B 57 0.75 7.45 7.48
C ALA B 57 1.92 7.23 6.53
N SER B 58 2.88 6.45 6.99
CA SER B 58 4.03 6.06 6.19
C SER B 58 4.37 4.62 6.55
N PHE B 59 4.44 3.77 5.54
CA PHE B 59 4.67 2.35 5.73
C PHE B 59 5.90 1.92 4.96
N TYR B 60 6.61 0.94 5.50
CA TYR B 60 7.85 0.44 4.92
C TYR B 60 7.82 -1.08 4.90
N ALA B 61 8.56 -1.65 3.96
CA ALA B 61 8.78 -3.09 3.96
C ALA B 61 9.67 -3.49 5.13
N ASP B 62 9.63 -4.78 5.50
CA ASP B 62 10.40 -5.25 6.64
C ASP B 62 11.91 -5.17 6.41
N SER B 63 12.36 -5.20 5.15
CA SER B 63 13.77 -5.14 4.85
C SER B 63 14.31 -3.72 4.77
N VAL B 64 13.45 -2.70 4.88
CA VAL B 64 13.87 -1.33 4.64
C VAL B 64 13.55 -0.42 5.81
N GLU B 65 12.99 -0.95 6.90
CA GLU B 65 12.67 -0.13 8.05
C GLU B 65 13.92 0.32 8.78
N GLY B 66 13.97 1.61 9.10
CA GLY B 66 15.12 2.20 9.75
C GLY B 66 16.16 2.73 8.80
N ARG B 67 16.17 2.28 7.55
CA ARG B 67 17.13 2.77 6.56
C ARG B 67 16.53 3.80 5.62
N PHE B 68 15.32 3.57 5.12
CA PHE B 68 14.79 4.42 4.06
C PHE B 68 13.70 5.31 4.65
N THR B 69 13.40 6.40 3.96
CA THR B 69 12.39 7.34 4.42
C THR B 69 11.68 7.95 3.23
N ILE B 70 10.37 7.75 3.13
CA ILE B 70 9.58 8.34 2.05
C ILE B 70 8.97 9.63 2.55
N SER B 71 9.12 10.69 1.76
CA SER B 71 8.54 12.00 2.06
C SER B 71 7.94 12.57 0.78
N ARG B 72 6.95 13.44 0.94
CA ARG B 72 6.33 14.05 -0.22
C ARG B 72 6.17 15.54 0.04
N ASP B 73 6.12 16.31 -1.04
CA ASP B 73 5.85 17.74 -1.00
C ASP B 73 4.67 17.97 -1.93
N ASN B 74 3.48 18.01 -1.37
CA ASN B 74 2.25 18.04 -2.16
C ASN B 74 1.91 19.44 -2.72
N THR B 75 2.75 20.45 -2.44
CA THR B 75 2.65 21.72 -3.14
C THR B 75 3.72 21.90 -4.21
N LYS B 76 4.79 21.10 -4.19
CA LYS B 76 5.77 21.05 -5.25
C LYS B 76 5.66 19.79 -6.10
N ASN B 77 4.74 18.88 -5.72
CA ASN B 77 4.45 17.63 -6.44
C ASN B 77 5.68 16.74 -6.58
N LEU B 78 6.52 16.71 -5.55
CA LEU B 78 7.70 15.85 -5.52
C LEU B 78 7.55 14.79 -4.44
N LEU B 79 7.87 13.56 -4.78
CA LEU B 79 7.94 12.45 -3.85
C LEU B 79 9.39 12.02 -3.73
N TRP B 80 9.91 12.00 -2.51
CA TRP B 80 11.29 11.58 -2.28
C TRP B 80 11.35 10.24 -1.59
N LEU B 81 12.56 9.67 -1.62
CA LEU B 81 12.92 8.49 -0.85
C LEU B 81 14.36 8.71 -0.41
N GLU B 82 14.54 9.31 0.76
CA GLU B 82 15.87 9.55 1.30
C GLU B 82 16.47 8.20 1.70
N MET B 83 17.59 7.84 1.06
CA MET B 83 18.17 6.52 1.21
C MET B 83 19.37 6.65 2.13
N THR B 84 19.50 5.74 3.09
CA THR B 84 20.55 5.83 4.09
C THR B 84 21.06 4.44 4.43
N SER B 85 22.39 4.31 4.53
CA SER B 85 23.12 3.07 4.85
C SER B 85 22.79 1.98 3.82
N LEU B 86 23.18 2.27 2.58
CA LEU B 86 22.85 1.41 1.45
C LEU B 86 23.75 0.19 1.44
N ARG B 87 23.14 -0.99 1.41
CA ARG B 87 23.89 -2.24 1.37
C ARG B 87 24.16 -2.63 -0.08
N ASP B 88 24.69 -3.83 -0.29
CA ASP B 88 24.97 -4.34 -1.64
C ASP B 88 23.76 -4.99 -2.29
N GLU B 89 22.70 -5.25 -1.55
CA GLU B 89 21.48 -5.84 -2.09
C GLU B 89 20.47 -4.79 -2.52
N ASP B 90 20.82 -3.51 -2.44
CA ASP B 90 19.95 -2.44 -2.89
C ASP B 90 20.27 -1.96 -4.31
N THR B 91 21.15 -2.67 -5.02
CA THR B 91 21.32 -2.42 -6.44
C THR B 91 20.07 -2.91 -7.16
N ALA B 92 19.27 -1.97 -7.67
CA ALA B 92 17.94 -2.30 -8.17
C ALA B 92 17.43 -1.16 -9.03
N VAL B 93 16.21 -1.33 -9.54
CA VAL B 93 15.48 -0.30 -10.27
C VAL B 93 14.31 0.13 -9.39
N TYR B 94 14.23 1.43 -9.12
CA TYR B 94 13.25 1.97 -8.19
C TYR B 94 12.13 2.63 -8.96
N TYR B 95 10.90 2.19 -8.70
CA TYR B 95 9.72 2.65 -9.41
C TYR B 95 8.84 3.47 -8.48
N CYS B 96 8.31 4.56 -8.99
CA CYS B 96 7.44 5.47 -8.27
C CYS B 96 6.02 5.23 -8.73
N ALA B 97 5.17 4.75 -7.84
CA ALA B 97 3.83 4.30 -8.20
C ALA B 97 2.77 5.16 -7.53
N ARG B 98 1.62 5.28 -8.18
CA ARG B 98 0.47 6.02 -7.68
C ARG B 98 -0.60 5.03 -7.26
N ASP B 99 -1.21 5.27 -6.12
CA ASP B 99 -2.23 4.38 -5.57
C ASP B 99 -3.61 4.87 -6.00
N LEU B 100 -4.52 3.92 -6.24
CA LEU B 100 -5.89 4.29 -6.58
C LEU B 100 -6.61 4.96 -5.41
N PRO B 101 -7.64 5.77 -5.70
CA PRO B 101 -8.50 6.27 -4.62
C PRO B 101 -9.19 5.12 -3.90
N GLY B 102 -9.33 5.29 -2.58
CA GLY B 102 -9.79 4.21 -1.74
C GLY B 102 -8.64 3.67 -0.92
N TYR B 103 -8.78 3.70 0.40
CA TYR B 103 -7.72 3.19 1.26
C TYR B 103 -7.74 1.67 1.35
N LEU B 104 -8.85 1.04 1.00
CA LEU B 104 -8.87 -0.42 0.93
C LEU B 104 -8.16 -0.92 -0.31
N GLU B 105 -8.39 -0.27 -1.46
CA GLU B 105 -7.79 -0.66 -2.74
C GLU B 105 -6.34 -0.17 -2.76
N ARG B 106 -5.45 -1.03 -2.29
CA ARG B 106 -4.04 -0.67 -2.11
C ARG B 106 -3.21 -1.21 -3.27
N VAL B 107 -3.51 -0.71 -4.46
CA VAL B 107 -2.86 -1.13 -5.69
C VAL B 107 -2.01 0.01 -6.22
N PHE B 108 -1.23 -0.28 -7.25
CA PHE B 108 -0.30 0.68 -7.82
C PHE B 108 -0.78 1.00 -9.23
N ASP B 109 -1.43 2.15 -9.39
CA ASP B 109 -2.16 2.44 -10.62
C ASP B 109 -1.22 2.87 -11.74
N LEU B 110 -0.54 4.00 -11.56
CA LEU B 110 0.30 4.55 -12.61
C LEU B 110 1.72 4.68 -12.07
N TRP B 111 2.70 4.32 -12.90
CA TRP B 111 4.06 4.10 -12.46
C TRP B 111 4.99 5.13 -13.08
N GLY B 112 6.17 5.26 -12.49
CA GLY B 112 7.17 6.18 -12.99
C GLY B 112 8.04 5.56 -14.06
N GLN B 113 9.05 6.33 -14.48
CA GLN B 113 9.92 5.92 -15.58
C GLN B 113 10.98 4.91 -15.17
N GLY B 114 11.21 4.72 -13.88
CA GLY B 114 12.25 3.83 -13.42
C GLY B 114 13.55 4.57 -13.12
N THR B 115 14.29 4.06 -12.14
CA THR B 115 15.54 4.68 -11.72
C THR B 115 16.48 3.56 -11.27
N LEU B 116 17.52 3.30 -12.06
CA LEU B 116 18.48 2.25 -11.70
C LEU B 116 19.47 2.81 -10.69
N VAL B 117 19.32 2.38 -9.44
CA VAL B 117 20.27 2.71 -8.39
C VAL B 117 21.21 1.52 -8.25
N SER B 118 22.50 1.74 -8.47
CA SER B 118 23.50 0.69 -8.39
C SER B 118 24.56 1.09 -7.38
N VAL B 119 24.90 0.18 -6.47
CA VAL B 119 25.94 0.42 -5.51
C VAL B 119 27.18 -0.35 -5.94
N SER B 120 28.34 0.06 -5.43
CA SER B 120 29.60 -0.52 -5.85
C SER B 120 30.47 -0.92 -4.66
N ILE C 2 0.80 -11.95 2.16
CA ILE C 2 0.36 -13.36 1.98
C ILE C 2 1.16 -13.98 0.82
N VAL C 3 1.75 -15.16 1.04
CA VAL C 3 2.58 -15.81 -0.02
C VAL C 3 1.73 -15.96 -1.30
N LEU C 4 2.23 -15.43 -2.42
CA LEU C 4 1.52 -15.56 -3.71
C LEU C 4 2.37 -16.42 -4.67
N THR C 5 1.80 -17.46 -5.26
CA THR C 5 2.59 -18.37 -6.12
C THR C 5 2.12 -18.28 -7.56
N GLN C 6 3.01 -17.90 -8.47
CA GLN C 6 2.66 -17.86 -9.92
C GLN C 6 3.05 -19.21 -10.54
N SER C 7 2.14 -20.19 -10.54
CA SER C 7 2.46 -21.55 -11.07
C SER C 7 2.87 -21.53 -12.55
N PRO C 8 2.17 -20.83 -13.46
CA PRO C 8 2.52 -20.91 -14.88
C PRO C 8 3.98 -20.58 -15.16
N ALA C 9 4.54 -19.60 -14.43
CA ALA C 9 5.94 -19.19 -14.66
C ALA C 9 6.15 -18.91 -16.14
N THR C 10 7.26 -19.40 -16.71
CA THR C 10 7.52 -19.21 -18.14
C THR C 10 6.47 -19.96 -18.93
N LEU C 11 5.85 -19.30 -19.93
CA LEU C 11 4.76 -19.94 -20.71
C LEU C 11 5.03 -19.76 -22.21
N SER C 12 5.36 -20.85 -22.91
CA SER C 12 5.61 -20.80 -24.37
C SER C 12 4.27 -20.87 -25.12
N LEU C 13 3.76 -19.72 -25.59
CA LEU C 13 2.44 -19.68 -26.25
C LEU C 13 2.54 -18.88 -27.56
N SER C 14 1.77 -19.27 -28.58
CA SER C 14 1.78 -18.54 -29.88
C SER C 14 1.01 -17.21 -29.73
N PRO C 15 1.39 -16.15 -30.48
CA PRO C 15 0.65 -14.89 -30.42
C PRO C 15 -0.76 -15.04 -30.99
N GLY C 16 -1.71 -14.25 -30.48
CA GLY C 16 -3.10 -14.29 -31.00
C GLY C 16 -3.93 -15.34 -30.28
N GLU C 17 -3.34 -16.03 -29.30
CA GLU C 17 -4.06 -17.11 -28.58
C GLU C 17 -4.49 -16.59 -27.19
N ASP C 18 -5.31 -17.36 -26.47
CA ASP C 18 -5.72 -16.98 -25.10
C ASP C 18 -4.76 -17.63 -24.09
N ALA C 19 -4.38 -16.90 -23.03
CA ALA C 19 -3.42 -17.43 -22.05
C ALA C 19 -4.00 -17.33 -20.63
N THR C 20 -4.05 -18.46 -19.91
CA THR C 20 -4.54 -18.43 -18.54
C THR C 20 -3.36 -18.53 -17.58
N LEU C 21 -3.52 -17.91 -16.42
CA LEU C 21 -2.47 -17.80 -15.41
C LEU C 21 -3.04 -18.24 -14.06
N SER C 22 -2.21 -18.18 -13.03
CA SER C 22 -2.69 -18.48 -11.69
C SER C 22 -1.88 -17.70 -10.67
N CYS C 23 -2.48 -17.49 -9.50
CA CYS C 23 -1.81 -16.83 -8.39
C CYS C 23 -2.41 -17.42 -7.10
N ARG C 24 -1.74 -18.44 -6.57
CA ARG C 24 -2.23 -19.16 -5.40
C ARG C 24 -1.77 -18.44 -4.14
N ALA C 25 -2.71 -18.09 -3.27
CA ALA C 25 -2.41 -17.44 -2.01
C ALA C 25 -2.30 -18.47 -0.90
N SER C 26 -1.38 -18.21 0.04
CA SER C 26 -1.22 -19.12 1.17
C SER C 26 -2.36 -18.98 2.17
N GLN C 27 -2.97 -17.80 2.25
CA GLN C 27 -4.05 -17.53 3.18
C GLN C 27 -5.27 -17.04 2.41
N SER C 28 -6.41 -17.02 3.09
CA SER C 28 -7.64 -16.52 2.48
C SER C 28 -7.58 -15.00 2.43
N VAL C 29 -7.52 -14.45 1.23
CA VAL C 29 -7.37 -13.01 1.03
C VAL C 29 -8.71 -12.35 0.71
N GLY C 30 -9.45 -12.91 -0.25
CA GLY C 30 -10.73 -12.37 -0.66
C GLY C 30 -10.69 -11.92 -2.11
N SER C 31 -11.26 -10.75 -2.37
CA SER C 31 -11.15 -10.09 -3.66
C SER C 31 -10.00 -9.10 -3.69
N ALA C 32 -9.14 -9.11 -2.67
CA ALA C 32 -8.09 -8.11 -2.55
C ALA C 32 -6.81 -8.60 -3.23
N LEU C 33 -6.89 -8.75 -4.54
CA LEU C 33 -5.70 -9.13 -5.31
C LEU C 33 -5.70 -8.38 -6.64
N ALA C 34 -4.52 -7.93 -7.04
CA ALA C 34 -4.33 -7.16 -8.26
C ALA C 34 -3.42 -7.91 -9.22
N TRP C 35 -3.37 -7.44 -10.47
CA TRP C 35 -2.52 -8.03 -11.50
C TRP C 35 -1.80 -6.92 -12.25
N TYR C 36 -0.57 -7.22 -12.67
CA TYR C 36 0.31 -6.25 -13.31
C TYR C 36 0.93 -6.86 -14.56
N GLN C 37 1.46 -5.99 -15.42
CA GLN C 37 2.10 -6.42 -16.66
C GLN C 37 3.38 -5.63 -16.85
N HIS C 38 4.52 -6.30 -16.74
CA HIS C 38 5.83 -5.66 -16.92
C HIS C 38 6.31 -5.95 -18.33
N ARG C 39 5.91 -5.10 -19.28
CA ARG C 39 6.36 -5.22 -20.65
C ARG C 39 7.86 -4.89 -20.72
N PRO C 40 8.60 -5.55 -21.63
CA PRO C 40 10.06 -5.33 -21.69
C PRO C 40 10.39 -3.93 -22.17
N GLY C 41 11.36 -3.31 -21.49
CA GLY C 41 11.72 -1.94 -21.78
C GLY C 41 10.70 -0.92 -21.33
N GLN C 42 9.83 -1.26 -20.38
CA GLN C 42 8.76 -0.36 -19.97
C GLN C 42 8.43 -0.59 -18.51
N SER C 43 7.77 0.40 -17.92
CA SER C 43 7.30 0.31 -16.55
C SER C 43 6.14 -0.68 -16.44
N PRO C 44 5.90 -1.24 -15.26
CA PRO C 44 4.69 -2.05 -15.07
C PRO C 44 3.44 -1.20 -15.18
N ARG C 45 2.34 -1.87 -15.51
CA ARG C 45 1.05 -1.21 -15.54
C ARG C 45 0.03 -2.11 -14.84
N LEU C 46 -1.01 -1.48 -14.31
CA LEU C 46 -2.05 -2.22 -13.62
C LEU C 46 -3.09 -2.69 -14.63
N LEU C 47 -3.47 -3.96 -14.52
CA LEU C 47 -4.49 -4.54 -15.39
C LEU C 47 -5.80 -4.72 -14.65
N ILE C 48 -5.78 -5.45 -13.53
CA ILE C 48 -6.92 -5.78 -12.70
C ILE C 48 -6.57 -5.36 -11.28
N TYR C 49 -7.52 -4.77 -10.54
CA TYR C 49 -7.21 -4.36 -9.19
C TYR C 49 -8.11 -4.93 -8.10
N ASP C 50 -9.11 -5.75 -8.43
CA ASP C 50 -9.94 -6.43 -7.44
C ASP C 50 -10.10 -7.91 -7.75
N ALA C 51 -9.15 -8.49 -8.50
CA ALA C 51 -9.11 -9.88 -8.98
C ALA C 51 -10.25 -10.25 -9.93
N SER C 52 -11.12 -9.29 -10.27
CA SER C 52 -12.13 -9.48 -11.30
C SER C 52 -12.32 -8.28 -12.22
N THR C 53 -11.88 -7.08 -11.83
CA THR C 53 -12.23 -5.86 -12.52
C THR C 53 -11.25 -5.59 -13.67
N ARG C 54 -11.28 -4.38 -14.21
CA ARG C 54 -10.39 -3.96 -15.27
C ARG C 54 -10.02 -2.50 -15.04
N ALA C 55 -8.73 -2.20 -15.07
CA ALA C 55 -8.26 -0.85 -14.79
C ALA C 55 -8.55 0.07 -15.98
N THR C 56 -8.43 1.37 -15.73
CA THR C 56 -8.73 2.38 -16.74
C THR C 56 -7.62 2.44 -17.77
N GLY C 57 -8.00 2.40 -19.05
CA GLY C 57 -7.02 2.36 -20.12
C GLY C 57 -6.59 0.98 -20.51
N ILE C 58 -7.34 -0.05 -20.12
CA ILE C 58 -6.98 -1.45 -20.35
C ILE C 58 -8.03 -2.04 -21.27
N PRO C 59 -7.65 -2.73 -22.33
CA PRO C 59 -8.63 -3.37 -23.21
C PRO C 59 -9.37 -4.51 -22.53
N ALA C 60 -10.54 -4.83 -23.08
CA ALA C 60 -11.46 -5.79 -22.46
C ALA C 60 -10.96 -7.24 -22.52
N ARG C 61 -9.89 -7.51 -23.26
CA ARG C 61 -9.32 -8.85 -23.33
C ARG C 61 -8.58 -9.25 -22.05
N PHE C 62 -8.27 -8.29 -21.18
CA PHE C 62 -7.66 -8.58 -19.88
C PHE C 62 -8.78 -8.82 -18.88
N SER C 63 -9.02 -10.08 -18.53
CA SER C 63 -10.09 -10.44 -17.62
C SER C 63 -9.57 -11.41 -16.57
N GLY C 64 -10.17 -11.39 -15.39
CA GLY C 64 -9.72 -12.24 -14.30
C GLY C 64 -10.85 -12.68 -13.42
N SER C 65 -10.53 -13.63 -12.54
CA SER C 65 -11.51 -14.26 -11.67
C SER C 65 -10.79 -14.81 -10.45
N GLY C 66 -11.57 -15.10 -9.41
CA GLY C 66 -10.98 -15.62 -8.19
C GLY C 66 -11.37 -14.75 -7.00
N SER C 67 -11.79 -15.41 -5.93
CA SER C 67 -12.24 -14.71 -4.74
C SER C 67 -11.79 -15.34 -3.43
N GLY C 68 -11.02 -16.42 -3.47
CA GLY C 68 -10.59 -17.06 -2.24
C GLY C 68 -9.08 -17.11 -2.10
N THR C 69 -8.51 -18.30 -2.28
CA THR C 69 -7.07 -18.46 -2.34
C THR C 69 -6.57 -18.72 -3.76
N GLU C 70 -7.45 -19.08 -4.68
CA GLU C 70 -7.10 -19.33 -6.06
C GLU C 70 -7.52 -18.15 -6.93
N PHE C 71 -6.59 -17.64 -7.71
CA PHE C 71 -6.83 -16.49 -8.56
C PHE C 71 -6.30 -16.81 -9.96
N THR C 72 -6.89 -16.18 -10.97
CA THR C 72 -6.56 -16.52 -12.35
C THR C 72 -6.76 -15.30 -13.23
N LEU C 73 -5.75 -14.96 -14.02
CA LEU C 73 -5.84 -13.92 -15.04
C LEU C 73 -5.86 -14.58 -16.41
N THR C 74 -6.88 -14.24 -17.20
CA THR C 74 -7.03 -14.78 -18.55
C THR C 74 -6.91 -13.64 -19.54
N VAL C 75 -5.80 -13.61 -20.27
CA VAL C 75 -5.60 -12.66 -21.36
C VAL C 75 -5.85 -13.38 -22.69
N SER C 76 -6.60 -12.73 -23.57
CA SER C 76 -7.03 -13.31 -24.83
C SER C 76 -6.45 -12.53 -26.00
N SER C 77 -6.17 -13.27 -27.08
CA SER C 77 -5.66 -12.74 -28.35
C SER C 77 -4.35 -11.98 -28.14
N LEU C 78 -3.33 -12.76 -27.76
CA LEU C 78 -2.00 -12.26 -27.41
C LEU C 78 -1.35 -11.47 -28.54
N THR C 79 -1.18 -10.16 -28.33
CA THR C 79 -0.52 -9.31 -29.30
C THR C 79 0.99 -9.33 -29.05
N SER C 80 1.72 -8.45 -29.73
CA SER C 80 3.17 -8.43 -29.58
C SER C 80 3.60 -7.93 -28.19
N GLU C 81 2.80 -7.07 -27.57
CA GLU C 81 3.15 -6.51 -26.28
C GLU C 81 2.60 -7.31 -25.11
N ASP C 82 1.83 -8.36 -25.34
CA ASP C 82 1.34 -9.21 -24.26
C ASP C 82 2.37 -10.22 -23.79
N PHE C 83 3.47 -10.37 -24.51
CA PHE C 83 4.54 -11.28 -24.10
C PHE C 83 5.44 -10.52 -23.14
N ALA C 84 5.10 -10.64 -21.85
CA ALA C 84 5.71 -9.85 -20.80
C ALA C 84 5.85 -10.74 -19.57
N VAL C 85 6.09 -10.11 -18.42
CA VAL C 85 6.11 -10.79 -17.14
C VAL C 85 4.96 -10.23 -16.30
N TYR C 86 4.11 -11.12 -15.80
CA TYR C 86 2.88 -10.75 -15.11
C TYR C 86 3.02 -11.03 -13.62
N TYR C 87 2.70 -10.04 -12.80
CA TYR C 87 2.81 -10.14 -11.36
C TYR C 87 1.42 -10.03 -10.74
N CYS C 88 1.28 -10.63 -9.56
CA CYS C 88 0.03 -10.59 -8.82
C CYS C 88 0.32 -10.09 -7.41
N GLN C 89 -0.47 -9.12 -6.96
CA GLN C 89 -0.24 -8.46 -5.67
C GLN C 89 -1.48 -8.58 -4.81
N GLU C 90 -1.30 -9.04 -3.58
CA GLU C 90 -2.36 -9.02 -2.58
C GLU C 90 -2.30 -7.72 -1.79
N TYR C 91 -3.47 -7.22 -1.37
CA TYR C 91 -3.56 -6.01 -0.57
C TYR C 91 -4.58 -6.23 0.54
N LYS C 92 -4.50 -7.41 1.17
CA LYS C 92 -5.45 -7.87 2.17
C LYS C 92 -5.54 -6.91 3.36
N ASN C 93 -6.77 -6.67 3.81
CA ASN C 93 -7.04 -5.70 4.88
C ASN C 93 -6.85 -6.33 6.26
N SER C 94 -5.62 -6.77 6.50
CA SER C 94 -5.17 -7.24 7.79
C SER C 94 -4.24 -6.21 8.41
N VAL C 95 -3.98 -6.38 9.70
CA VAL C 95 -3.09 -5.48 10.42
C VAL C 95 -1.87 -6.28 10.87
N PRO C 96 -0.65 -5.90 10.48
CA PRO C 96 -0.23 -4.78 9.60
C PRO C 96 -0.51 -5.04 8.12
N PRO C 97 -0.66 -3.99 7.32
CA PRO C 97 -0.95 -4.17 5.89
C PRO C 97 0.29 -4.65 5.15
N THR C 98 0.07 -5.55 4.18
CA THR C 98 1.15 -6.10 3.38
C THR C 98 0.89 -5.84 1.90
N TRP C 99 1.98 -5.61 1.17
CA TRP C 99 2.00 -5.40 -0.28
C TRP C 99 2.92 -6.45 -0.87
N THR C 100 2.41 -7.66 -1.06
CA THR C 100 3.24 -8.80 -1.44
C THR C 100 2.99 -9.13 -2.91
N PHE C 101 4.06 -9.19 -3.70
CA PHE C 101 3.97 -9.62 -5.08
C PHE C 101 4.21 -11.13 -5.22
N GLY C 102 4.03 -11.62 -6.44
CA GLY C 102 4.40 -12.96 -6.80
C GLY C 102 5.79 -12.98 -7.44
N GLN C 103 6.22 -14.18 -7.81
CA GLN C 103 7.54 -14.33 -8.42
C GLN C 103 7.56 -13.76 -9.82
N GLY C 104 6.44 -13.84 -10.52
CA GLY C 104 6.34 -13.32 -11.87
C GLY C 104 6.24 -14.43 -12.90
N THR C 105 5.03 -14.70 -13.36
CA THR C 105 4.89 -15.61 -14.50
C THR C 105 5.26 -14.87 -15.78
N LYS C 106 5.67 -15.64 -16.79
CA LYS C 106 6.18 -15.06 -18.01
C LYS C 106 5.53 -15.75 -19.20
N VAL C 107 5.09 -14.95 -20.17
CA VAL C 107 4.49 -15.47 -21.40
C VAL C 107 5.46 -15.21 -22.54
N GLU C 108 5.84 -16.26 -23.26
CA GLU C 108 6.80 -16.18 -24.33
C GLU C 108 6.25 -16.83 -25.59
N ILE C 109 6.82 -16.47 -26.72
CA ILE C 109 6.39 -17.00 -28.01
C ILE C 109 6.96 -18.40 -28.19
N LYS C 110 6.09 -19.37 -28.49
CA LYS C 110 6.55 -20.73 -28.70
C LYS C 110 6.93 -20.95 -30.16
N ARG C 111 7.89 -21.84 -30.37
CA ARG C 111 8.44 -22.13 -31.69
C ARG C 111 8.60 -23.64 -31.87
N THR C 112 9.32 -24.05 -32.90
CA THR C 112 9.56 -25.47 -33.14
C THR C 112 10.53 -26.06 -32.13
#